data_8KIG
#
_entry.id   8KIG
#
_cell.length_a   1.00
_cell.length_b   1.00
_cell.length_c   1.00
_cell.angle_alpha   90.00
_cell.angle_beta   90.00
_cell.angle_gamma   90.00
#
_symmetry.space_group_name_H-M   'P 1'
#
loop_
_entity.id
_entity.type
_entity.pdbx_description
1 polymer 'Soluble cytochrome b562,Melanocortin receptor 3,GlgA glycogen synthase,Fusion protein'
2 polymer SHU9119
3 non-polymer 'CALCIUM ION'
#
loop_
_entity_poly.entity_id
_entity_poly.type
_entity_poly.pdbx_seq_one_letter_code
_entity_poly.pdbx_strand_id
1 'polypeptide(L)'
;DYKDDDDKGSADLEDNWETLNDNLKVIEKADNAAQVKDALTKMRAAALDAQKATPPKLEDKSPDSPEMKDFRHGFDILVG
QIDDALKLANEGKVKEAQAAAEQLKTTRNAYIQKYLLVPRGSNASCCLPSVQPTLPNGSEHLQAPFFSNQSSSAFCEQVF
IKPEVFLSLGIVSLLENILVILAVVRNGNLHSPMYFFLCSLAVADMLVSVSNALETIMIAIVHSDYLTFEDQFIQHMDNI
FDSMICISLVASICNLLAIAVDRYVTIFYALRYHSIMTVRKALTLIVAIWVCCGVCGVVFIVYSESKMVIVCLITMFFAM
MLLMGTLYVHMFLFAGIDCSFWNESYLTGSRDERKKSLLSKFGMDEGVTFMFIGRFDRGQKGVDVLLKAIEILSSKKEFQ
EMRFIIIGKGDPELEGWARSLEEKHGNVKVITEMLSREFVRELYGSVDFVIIPSYFEPFGLVALEAMCLGAIPIASAVGG
LRDIITNETGILVKAGDPGELANAILKALELSRSDLSKFRENCKKRAMSFSSCMKGAVTITILLGVFIFCWAPFFLHLVL
IITCPTNPYCICYTAHFNTYLVLIMCNSVIDPLIYAFRSLELRNTFREILCGCNGMNLG
;
R
2 'polypeptide(L)' (ACE)(NLE)DH(4J2)RWK(NH2) L
#
# COMPACT_ATOMS: atom_id res chain seq x y z
N GLN A 158 1.78 -12.29 22.25
CA GLN A 158 1.34 -12.29 23.64
C GLN A 158 0.25 -11.25 23.88
N VAL A 159 -0.15 -10.55 22.81
CA VAL A 159 -1.31 -9.68 22.82
C VAL A 159 -2.18 -10.05 21.63
N PHE A 160 -3.48 -9.80 21.76
CA PHE A 160 -4.45 -10.21 20.74
C PHE A 160 -5.43 -9.07 20.46
N ILE A 161 -5.97 -9.08 19.26
CA ILE A 161 -6.93 -8.08 18.79
C ILE A 161 -8.15 -8.79 18.24
N LYS A 162 -9.33 -8.32 18.61
CA LYS A 162 -10.56 -8.97 18.18
C LYS A 162 -10.69 -8.91 16.66
N PRO A 163 -11.13 -9.99 16.00
CA PRO A 163 -11.18 -9.99 14.54
C PRO A 163 -12.10 -8.92 13.96
N GLU A 164 -13.09 -8.47 14.72
CA GLU A 164 -14.00 -7.44 14.25
C GLU A 164 -13.25 -6.20 13.80
N VAL A 165 -12.13 -5.89 14.44
CA VAL A 165 -11.32 -4.74 14.02
C VAL A 165 -10.82 -4.94 12.60
N PHE A 166 -10.21 -6.09 12.33
CA PHE A 166 -9.70 -6.38 11.00
C PHE A 166 -10.80 -6.30 9.96
N LEU A 167 -11.93 -6.98 10.23
CA LEU A 167 -13.01 -7.02 9.26
C LEU A 167 -13.58 -5.62 9.00
N SER A 168 -13.80 -4.84 10.06
CA SER A 168 -14.39 -3.52 9.89
C SER A 168 -13.48 -2.61 9.10
N LEU A 169 -12.19 -2.57 9.45
CA LEU A 169 -11.27 -1.71 8.72
C LEU A 169 -11.19 -2.13 7.26
N GLY A 170 -11.17 -3.44 7.00
CA GLY A 170 -11.13 -3.91 5.62
C GLY A 170 -12.33 -3.46 4.82
N ILE A 171 -13.53 -3.62 5.39
CA ILE A 171 -14.74 -3.27 4.66
C ILE A 171 -14.80 -1.76 4.42
N VAL A 172 -14.45 -0.96 5.43
CA VAL A 172 -14.52 0.49 5.27
C VAL A 172 -13.55 0.97 4.21
N SER A 173 -12.30 0.47 4.24
CA SER A 173 -11.35 0.90 3.23
C SER A 173 -11.76 0.42 1.84
N LEU A 174 -12.37 -0.75 1.75
CA LEU A 174 -12.87 -1.22 0.45
C LEU A 174 -13.93 -0.27 -0.09
N LEU A 175 -14.86 0.16 0.76
CA LEU A 175 -15.90 1.09 0.30
C LEU A 175 -15.29 2.42 -0.13
N GLU A 176 -14.33 2.93 0.64
CA GLU A 176 -13.70 4.20 0.28
C GLU A 176 -12.99 4.12 -1.07
N ASN A 177 -12.25 3.05 -1.31
CA ASN A 177 -11.54 2.95 -2.58
C ASN A 177 -12.50 2.74 -3.75
N ILE A 178 -13.59 1.99 -3.52
CA ILE A 178 -14.61 1.86 -4.54
C ILE A 178 -15.16 3.23 -4.91
N LEU A 179 -15.42 4.07 -3.91
CA LEU A 179 -15.92 5.41 -4.19
C LEU A 179 -14.92 6.21 -4.98
N VAL A 180 -13.64 6.13 -4.64
CA VAL A 180 -12.64 6.91 -5.37
C VAL A 180 -12.62 6.52 -6.85
N ILE A 181 -12.57 5.21 -7.13
CA ILE A 181 -12.44 4.78 -8.51
C ILE A 181 -13.71 5.07 -9.31
N LEU A 182 -14.88 4.83 -8.70
CA LEU A 182 -16.13 5.15 -9.38
C LEU A 182 -16.24 6.65 -9.63
N ALA A 183 -15.73 7.47 -8.72
CA ALA A 183 -15.75 8.92 -8.93
C ALA A 183 -14.86 9.32 -10.10
N VAL A 184 -13.67 8.73 -10.20
CA VAL A 184 -12.80 9.06 -11.32
C VAL A 184 -13.46 8.67 -12.64
N VAL A 185 -14.05 7.47 -12.69
CA VAL A 185 -14.63 7.02 -13.95
C VAL A 185 -15.88 7.81 -14.32
N ARG A 186 -16.72 8.11 -13.33
CA ARG A 186 -17.96 8.83 -13.61
C ARG A 186 -17.73 10.27 -14.02
N ASN A 187 -16.52 10.80 -13.83
CA ASN A 187 -16.22 12.18 -14.19
C ASN A 187 -15.43 12.23 -15.49
N GLY A 188 -15.49 13.38 -16.15
CA GLY A 188 -14.90 13.56 -17.45
C GLY A 188 -13.69 14.47 -17.49
N ASN A 189 -13.37 15.12 -16.37
CA ASN A 189 -12.19 15.95 -16.30
C ASN A 189 -11.04 15.28 -15.55
N LEU A 190 -11.33 14.33 -14.67
CA LEU A 190 -10.28 13.61 -13.96
C LEU A 190 -9.75 12.45 -14.79
N HIS A 191 -9.37 12.74 -16.03
CA HIS A 191 -8.78 11.74 -16.92
C HIS A 191 -7.34 12.09 -17.26
N SER A 192 -6.73 12.96 -16.49
CA SER A 192 -5.33 13.31 -16.69
C SER A 192 -4.44 12.14 -16.29
N PRO A 193 -3.28 11.99 -16.92
CA PRO A 193 -2.46 10.81 -16.64
C PRO A 193 -1.91 10.76 -15.23
N MET A 194 -1.83 11.88 -14.53
CA MET A 194 -1.41 11.85 -13.14
C MET A 194 -2.52 11.42 -12.21
N TYR A 195 -3.79 11.50 -12.63
CA TYR A 195 -4.92 11.07 -11.79
C TYR A 195 -5.27 9.59 -11.91
N PHE A 196 -4.59 8.85 -12.77
CA PHE A 196 -4.79 7.41 -12.83
C PHE A 196 -3.89 6.66 -11.87
N PHE A 197 -2.74 7.23 -11.52
CA PHE A 197 -1.91 6.62 -10.51
C PHE A 197 -2.57 6.62 -9.15
N LEU A 198 -3.40 7.62 -8.85
CA LEU A 198 -4.20 7.60 -7.63
C LEU A 198 -5.34 6.58 -7.68
N CYS A 199 -5.65 6.04 -8.85
CA CYS A 199 -6.56 4.90 -8.94
C CYS A 199 -5.81 3.59 -8.79
N SER A 200 -4.60 3.52 -9.32
CA SER A 200 -3.79 2.32 -9.12
C SER A 200 -3.41 2.15 -7.65
N LEU A 201 -3.12 3.24 -6.95
CA LEU A 201 -2.89 3.15 -5.51
C LEU A 201 -4.14 2.69 -4.78
N ALA A 202 -5.31 3.16 -5.20
CA ALA A 202 -6.54 2.69 -4.60
C ALA A 202 -6.72 1.19 -4.81
N VAL A 203 -6.32 0.67 -5.96
CA VAL A 203 -6.39 -0.77 -6.18
C VAL A 203 -5.45 -1.50 -5.24
N ALA A 204 -4.24 -0.97 -5.03
CA ALA A 204 -3.31 -1.62 -4.12
C ALA A 204 -3.87 -1.70 -2.70
N ASP A 205 -4.46 -0.59 -2.22
CA ASP A 205 -5.04 -0.63 -0.89
C ASP A 205 -6.26 -1.55 -0.83
N MET A 206 -7.02 -1.64 -1.92
CA MET A 206 -8.09 -2.63 -1.99
C MET A 206 -7.55 -4.04 -1.79
N LEU A 207 -6.42 -4.35 -2.43
CA LEU A 207 -5.84 -5.68 -2.30
C LEU A 207 -5.51 -5.98 -0.85
N VAL A 208 -4.84 -5.04 -0.18
CA VAL A 208 -4.49 -5.28 1.23
C VAL A 208 -5.75 -5.54 2.06
N SER A 209 -6.77 -4.68 1.91
CA SER A 209 -7.95 -4.82 2.75
C SER A 209 -8.67 -6.14 2.51
N VAL A 210 -8.89 -6.49 1.24
CA VAL A 210 -9.60 -7.72 0.91
C VAL A 210 -8.85 -8.93 1.43
N SER A 211 -7.52 -8.97 1.20
CA SER A 211 -6.76 -10.13 1.64
C SER A 211 -6.81 -10.29 3.14
N ASN A 212 -6.66 -9.19 3.89
CA ASN A 212 -6.68 -9.30 5.34
C ASN A 212 -8.04 -9.74 5.86
N ALA A 213 -9.12 -9.19 5.31
CA ALA A 213 -10.44 -9.61 5.76
C ALA A 213 -10.68 -11.09 5.47
N LEU A 214 -10.29 -11.56 4.29
CA LEU A 214 -10.50 -12.96 3.97
C LEU A 214 -9.66 -13.87 4.86
N GLU A 215 -8.41 -13.49 5.13
CA GLU A 215 -7.56 -14.31 5.99
C GLU A 215 -8.14 -14.40 7.39
N THR A 216 -8.63 -13.29 7.93
CA THR A 216 -9.25 -13.32 9.24
C THR A 216 -10.47 -14.23 9.24
N ILE A 217 -11.30 -14.13 8.21
CA ILE A 217 -12.49 -14.98 8.14
C ILE A 217 -12.10 -16.44 8.13
N MET A 218 -11.10 -16.79 7.31
CA MET A 218 -10.72 -18.19 7.21
C MET A 218 -10.15 -18.72 8.52
N ILE A 219 -9.32 -17.92 9.19
CA ILE A 219 -8.74 -18.37 10.46
C ILE A 219 -9.85 -18.58 11.48
N ALA A 220 -10.80 -17.65 11.56
CA ALA A 220 -11.90 -17.81 12.50
C ALA A 220 -12.77 -19.02 12.15
N ILE A 221 -12.95 -19.30 10.86
CA ILE A 221 -13.79 -20.43 10.44
C ILE A 221 -13.11 -21.75 10.77
N VAL A 222 -11.81 -21.88 10.47
CA VAL A 222 -11.13 -23.13 10.77
C VAL A 222 -11.03 -23.31 12.28
N HIS A 223 -10.86 -22.22 13.03
CA HIS A 223 -10.78 -22.32 14.48
C HIS A 223 -12.06 -22.90 15.06
N SER A 224 -13.21 -22.49 14.54
CA SER A 224 -14.48 -22.99 15.02
C SER A 224 -14.69 -24.45 14.62
N ASP A 225 -15.75 -25.03 15.19
CA ASP A 225 -16.02 -26.47 15.06
C ASP A 225 -17.01 -26.67 13.91
N TYR A 226 -16.54 -26.42 12.69
CA TYR A 226 -17.45 -26.53 11.55
C TYR A 226 -16.95 -27.39 10.39
N LEU A 227 -15.70 -27.33 9.97
CA LEU A 227 -15.25 -28.10 8.82
C LEU A 227 -13.87 -28.69 9.08
N THR A 228 -13.40 -29.50 8.12
CA THR A 228 -12.05 -30.03 8.09
C THR A 228 -11.49 -29.74 6.71
N PHE A 229 -10.23 -29.33 6.67
CA PHE A 229 -9.77 -28.61 5.49
C PHE A 229 -8.51 -29.19 4.86
N GLU A 230 -8.28 -30.49 4.98
CA GLU A 230 -7.30 -31.20 4.15
C GLU A 230 -5.94 -30.47 4.12
N ASP A 231 -5.25 -30.57 5.26
CA ASP A 231 -4.24 -29.61 5.72
C ASP A 231 -3.47 -28.91 4.61
N GLN A 232 -3.07 -29.63 3.57
CA GLN A 232 -2.51 -29.01 2.38
C GLN A 232 -3.31 -27.79 1.94
N PHE A 233 -4.64 -27.87 2.05
CA PHE A 233 -5.49 -26.81 1.51
C PHE A 233 -5.35 -25.50 2.30
N ILE A 234 -5.28 -25.59 3.63
CA ILE A 234 -5.08 -24.38 4.43
C ILE A 234 -3.73 -23.78 4.13
N GLN A 235 -2.69 -24.61 4.06
CA GLN A 235 -1.37 -24.13 3.71
C GLN A 235 -1.33 -23.56 2.31
N HIS A 236 -2.34 -23.87 1.48
CA HIS A 236 -2.38 -23.30 0.14
C HIS A 236 -3.07 -21.94 0.14
N MET A 237 -4.21 -21.83 0.80
CA MET A 237 -4.88 -20.54 0.82
C MET A 237 -4.16 -19.53 1.70
N ASP A 238 -3.30 -19.98 2.62
CA ASP A 238 -2.43 -19.03 3.31
C ASP A 238 -1.50 -18.35 2.33
N ASN A 239 -0.86 -19.13 1.45
CA ASN A 239 0.04 -18.56 0.46
C ASN A 239 -0.70 -17.72 -0.57
N ILE A 240 -1.94 -18.07 -0.88
CA ILE A 240 -2.73 -17.17 -1.72
C ILE A 240 -2.99 -15.86 -1.02
N PHE A 241 -3.37 -15.91 0.27
CA PHE A 241 -3.70 -14.69 0.99
C PHE A 241 -2.46 -13.89 1.37
N ASP A 242 -1.39 -14.55 1.76
CA ASP A 242 -0.15 -13.86 2.10
C ASP A 242 0.60 -13.38 0.88
N SER A 243 0.03 -13.53 -0.32
CA SER A 243 0.68 -13.08 -1.54
C SER A 243 -0.02 -11.92 -2.21
N MET A 244 -1.26 -11.62 -1.84
CA MET A 244 -1.88 -10.37 -2.22
C MET A 244 -1.63 -9.27 -1.20
N ILE A 245 -0.66 -9.46 -0.31
CA ILE A 245 -0.09 -8.37 0.45
C ILE A 245 1.35 -8.09 0.07
N CYS A 246 2.09 -9.10 -0.41
CA CYS A 246 3.42 -8.84 -0.94
C CYS A 246 3.34 -8.20 -2.32
N ILE A 247 2.22 -8.34 -3.02
CA ILE A 247 2.03 -7.62 -4.27
C ILE A 247 1.58 -6.19 -4.01
N SER A 248 0.66 -6.01 -3.07
CA SER A 248 0.16 -4.69 -2.73
C SER A 248 1.11 -3.90 -1.87
N LEU A 249 2.36 -4.33 -1.73
CA LEU A 249 3.42 -3.53 -1.14
C LEU A 249 4.41 -3.05 -2.19
N VAL A 250 4.88 -3.95 -3.04
CA VAL A 250 5.73 -3.55 -4.15
C VAL A 250 4.96 -2.65 -5.10
N ALA A 251 3.66 -2.93 -5.30
CA ALA A 251 2.85 -2.05 -6.14
C ALA A 251 2.72 -0.67 -5.54
N SER A 252 2.53 -0.58 -4.22
CA SER A 252 2.45 0.73 -3.57
C SER A 252 3.76 1.49 -3.71
N ILE A 253 4.88 0.80 -3.52
CA ILE A 253 6.18 1.46 -3.65
C ILE A 253 6.38 1.99 -5.07
N CYS A 254 6.13 1.13 -6.07
CA CYS A 254 6.34 1.52 -7.46
C CYS A 254 5.40 2.66 -7.86
N ASN A 255 4.16 2.63 -7.37
CA ASN A 255 3.21 3.68 -7.74
C ASN A 255 3.55 5.00 -7.08
N LEU A 256 4.04 4.96 -5.83
CA LEU A 256 4.50 6.21 -5.21
C LEU A 256 5.68 6.78 -5.97
N LEU A 257 6.61 5.92 -6.41
CA LEU A 257 7.71 6.40 -7.23
C LEU A 257 7.21 7.00 -8.53
N ALA A 258 6.24 6.36 -9.18
CA ALA A 258 5.72 6.87 -10.44
C ALA A 258 5.03 8.22 -10.25
N ILE A 259 4.23 8.37 -9.21
CA ILE A 259 3.60 9.66 -8.94
C ILE A 259 4.65 10.74 -8.70
N ALA A 260 5.68 10.42 -7.91
CA ALA A 260 6.71 11.40 -7.63
C ALA A 260 7.44 11.80 -8.89
N VAL A 261 7.78 10.83 -9.74
CA VAL A 261 8.50 11.14 -10.97
C VAL A 261 7.64 11.97 -11.92
N ASP A 262 6.35 11.64 -12.02
CA ASP A 262 5.46 12.42 -12.88
C ASP A 262 5.34 13.86 -12.37
N ARG A 263 5.20 14.04 -11.06
CA ARG A 263 5.11 15.39 -10.52
C ARG A 263 6.40 16.16 -10.74
N TYR A 264 7.54 15.50 -10.56
CA TYR A 264 8.82 16.16 -10.83
C TYR A 264 8.93 16.57 -12.29
N VAL A 265 8.48 15.71 -13.20
CA VAL A 265 8.53 16.04 -14.62
C VAL A 265 7.64 17.23 -14.92
N THR A 266 6.44 17.27 -14.35
CA THR A 266 5.54 18.36 -14.65
C THR A 266 5.95 19.66 -13.96
N ILE A 267 6.77 19.60 -12.93
CA ILE A 267 7.20 20.81 -12.23
C ILE A 267 8.47 21.38 -12.85
N PHE A 268 9.45 20.53 -13.15
CA PHE A 268 10.72 21.01 -13.69
C PHE A 268 10.75 21.06 -15.21
N TYR A 269 9.91 20.28 -15.89
CA TYR A 269 9.87 20.29 -17.35
C TYR A 269 8.51 20.72 -17.86
N ALA A 270 7.96 21.79 -17.30
CA ALA A 270 6.58 22.13 -17.60
C ALA A 270 6.44 22.79 -18.96
N LEU A 271 6.94 22.14 -20.00
CA LEU A 271 6.82 22.68 -21.34
C LEU A 271 6.24 21.68 -22.33
N ARG A 272 6.58 20.39 -22.21
CA ARG A 272 6.11 19.37 -23.13
C ARG A 272 5.49 18.18 -22.39
N TYR A 273 5.08 18.39 -21.13
CA TYR A 273 4.52 17.30 -20.34
C TYR A 273 3.34 16.65 -21.05
N HIS A 274 2.57 17.43 -21.80
CA HIS A 274 1.49 16.84 -22.58
C HIS A 274 2.02 16.05 -23.77
N SER A 275 3.19 16.42 -24.29
CA SER A 275 3.76 15.71 -25.43
C SER A 275 4.33 14.36 -25.00
N ILE A 276 5.02 14.32 -23.87
CA ILE A 276 5.70 13.10 -23.44
C ILE A 276 4.77 12.21 -22.62
N MET A 277 4.12 12.75 -21.60
CA MET A 277 3.30 11.96 -20.68
C MET A 277 1.84 12.10 -21.10
N THR A 278 1.43 11.24 -22.03
CA THR A 278 0.06 11.22 -22.50
C THR A 278 -0.73 10.13 -21.78
N VAL A 279 -2.05 10.14 -22.00
CA VAL A 279 -2.93 9.22 -21.30
C VAL A 279 -2.58 7.78 -21.61
N ARG A 280 -2.39 7.46 -22.88
CA ARG A 280 -2.13 6.08 -23.27
C ARG A 280 -0.79 5.60 -22.72
N LYS A 281 0.22 6.47 -22.73
CA LYS A 281 1.52 6.10 -22.21
C LYS A 281 1.46 5.86 -20.70
N ALA A 282 0.70 6.68 -19.99
CA ALA A 282 0.50 6.44 -18.56
C ALA A 282 -0.19 5.11 -18.32
N LEU A 283 -1.20 4.78 -19.13
CA LEU A 283 -1.86 3.49 -18.96
C LEU A 283 -0.89 2.34 -19.21
N THR A 284 -0.04 2.47 -20.22
CA THR A 284 0.96 1.45 -20.48
C THR A 284 1.90 1.29 -19.30
N LEU A 285 2.35 2.40 -18.73
CA LEU A 285 3.23 2.33 -17.58
C LEU A 285 2.53 1.65 -16.40
N ILE A 286 1.25 1.97 -16.19
CA ILE A 286 0.51 1.39 -15.08
C ILE A 286 0.40 -0.12 -15.23
N VAL A 287 0.03 -0.56 -16.43
CA VAL A 287 -0.15 -2.00 -16.63
C VAL A 287 1.18 -2.72 -16.55
N ALA A 288 2.26 -2.10 -17.03
CA ALA A 288 3.58 -2.70 -16.88
C ALA A 288 3.97 -2.83 -15.42
N ILE A 289 3.71 -1.79 -14.63
CA ILE A 289 4.05 -1.82 -13.20
C ILE A 289 3.30 -2.94 -12.51
N TRP A 290 2.00 -3.06 -12.78
CA TRP A 290 1.22 -4.09 -12.11
C TRP A 290 1.65 -5.48 -12.56
N VAL A 291 1.96 -5.66 -13.84
CA VAL A 291 2.41 -6.95 -14.33
C VAL A 291 3.73 -7.35 -13.66
N CYS A 292 4.67 -6.41 -13.57
CA CYS A 292 5.95 -6.72 -12.95
C CYS A 292 5.80 -7.02 -11.46
N CYS A 293 5.02 -6.20 -10.74
CA CYS A 293 4.83 -6.43 -9.32
C CYS A 293 4.11 -7.73 -9.06
N GLY A 294 3.28 -8.19 -9.99
CA GLY A 294 2.64 -9.49 -9.81
C GLY A 294 3.64 -10.62 -9.71
N VAL A 295 4.66 -10.61 -10.57
CA VAL A 295 5.70 -11.63 -10.51
C VAL A 295 6.57 -11.43 -9.28
N CYS A 296 6.89 -10.17 -8.95
CA CYS A 296 7.73 -9.91 -7.78
C CYS A 296 7.08 -10.42 -6.50
N GLY A 297 5.78 -10.21 -6.35
CA GLY A 297 5.09 -10.63 -5.14
C GLY A 297 4.81 -12.11 -5.04
N VAL A 298 4.92 -12.86 -6.14
CA VAL A 298 4.72 -14.29 -6.11
C VAL A 298 6.04 -15.03 -5.91
N VAL A 299 7.12 -14.56 -6.55
CA VAL A 299 8.41 -15.20 -6.36
C VAL A 299 8.83 -15.13 -4.90
N PHE A 300 8.57 -14.00 -4.24
CA PHE A 300 8.94 -13.84 -2.83
C PHE A 300 8.20 -14.83 -1.95
N ILE A 301 6.87 -14.87 -2.06
CA ILE A 301 6.08 -15.67 -1.14
C ILE A 301 6.26 -17.15 -1.41
N VAL A 302 6.42 -17.54 -2.68
CA VAL A 302 6.74 -18.93 -2.98
C VAL A 302 8.16 -19.31 -2.57
N TYR A 303 8.97 -18.33 -2.19
CA TYR A 303 10.36 -18.55 -1.78
C TYR A 303 10.67 -17.76 -0.50
N SER A 304 9.76 -17.81 0.46
CA SER A 304 9.86 -16.99 1.66
C SER A 304 10.66 -17.64 2.79
N GLU A 305 10.90 -18.95 2.72
CA GLU A 305 11.59 -19.63 3.79
C GLU A 305 13.03 -19.16 3.95
N SER A 306 13.58 -18.51 2.92
CA SER A 306 14.99 -18.11 2.92
C SER A 306 15.15 -16.81 3.71
N LYS A 307 16.36 -16.27 3.71
CA LYS A 307 16.67 -15.01 4.36
C LYS A 307 16.87 -13.86 3.41
N MET A 308 17.06 -14.12 2.12
CA MET A 308 17.32 -13.03 1.18
C MET A 308 16.08 -12.18 0.94
N VAL A 309 14.89 -12.79 0.97
CA VAL A 309 13.67 -12.03 0.71
C VAL A 309 13.47 -10.95 1.76
N ILE A 310 13.71 -11.27 3.03
CA ILE A 310 13.49 -10.31 4.10
C ILE A 310 14.44 -9.12 3.95
N VAL A 311 15.72 -9.39 3.70
CA VAL A 311 16.67 -8.30 3.57
C VAL A 311 16.40 -7.48 2.32
N CYS A 312 15.96 -8.12 1.25
CA CYS A 312 15.60 -7.37 0.04
C CYS A 312 14.45 -6.42 0.31
N LEU A 313 13.44 -6.88 1.03
CA LEU A 313 12.35 -5.98 1.42
C LEU A 313 12.87 -4.84 2.28
N ILE A 314 13.81 -5.15 3.17
CA ILE A 314 14.34 -4.11 4.06
C ILE A 314 15.04 -3.04 3.26
N THR A 315 15.90 -3.43 2.32
CA THR A 315 16.59 -2.43 1.52
C THR A 315 15.64 -1.65 0.63
N MET A 316 14.59 -2.29 0.12
CA MET A 316 13.60 -1.56 -0.67
C MET A 316 12.96 -0.45 0.15
N PHE A 317 12.47 -0.81 1.34
CA PHE A 317 11.84 0.20 2.20
C PHE A 317 12.81 1.28 2.59
N PHE A 318 14.05 0.91 2.92
CA PHE A 318 15.05 1.86 3.37
C PHE A 318 15.41 2.84 2.27
N ALA A 319 15.60 2.35 1.04
CA ALA A 319 15.91 3.22 -0.09
C ALA A 319 14.76 4.17 -0.39
N MET A 320 13.52 3.67 -0.33
CA MET A 320 12.40 4.57 -0.58
C MET A 320 12.27 5.60 0.55
N MET A 321 12.70 5.23 1.76
CA MET A 321 12.80 6.20 2.85
C MET A 321 13.81 7.30 2.53
N LEU A 322 14.96 6.93 1.97
CA LEU A 322 15.91 7.94 1.53
C LEU A 322 15.32 8.85 0.47
N LEU A 323 14.58 8.29 -0.49
CA LEU A 323 13.98 9.13 -1.51
C LEU A 323 12.98 10.10 -0.92
N MET A 324 12.19 9.65 0.06
CA MET A 324 11.27 10.55 0.75
C MET A 324 12.04 11.66 1.45
N GLY A 325 13.12 11.32 2.14
CA GLY A 325 13.88 12.34 2.85
C GLY A 325 14.49 13.36 1.92
N THR A 326 15.03 12.90 0.78
CA THR A 326 15.57 13.81 -0.22
C THR A 326 14.49 14.75 -0.75
N LEU A 327 13.31 14.20 -1.04
CA LEU A 327 12.22 15.04 -1.51
C LEU A 327 11.82 16.07 -0.47
N TYR A 328 11.81 15.69 0.80
CA TYR A 328 11.48 16.66 1.84
C TYR A 328 12.53 17.77 1.92
N VAL A 329 13.81 17.41 1.91
CA VAL A 329 14.82 18.44 2.02
C VAL A 329 14.80 19.33 0.78
N HIS A 330 14.37 18.80 -0.36
CA HIS A 330 14.16 19.64 -1.54
C HIS A 330 12.95 20.55 -1.37
N MET A 331 11.96 20.10 -0.58
CA MET A 331 10.74 20.88 -0.39
C MET A 331 11.02 22.21 0.31
N PHE A 332 11.99 22.25 1.22
CA PHE A 332 12.27 23.45 1.97
C PHE A 332 13.23 24.41 1.27
N LEU A 333 13.88 23.98 0.19
CA LEU A 333 14.82 24.82 -0.56
C LEU A 333 14.38 24.83 -2.02
N PHE A 334 13.57 25.83 -2.38
CA PHE A 334 13.01 25.89 -3.73
C PHE A 334 14.09 26.05 -4.80
N ALA A 335 15.28 26.51 -4.44
CA ALA A 335 16.32 26.77 -5.42
C ALA A 335 17.63 26.08 -5.06
N SER A 532 3.80 26.77 -8.98
CA SER A 532 3.47 25.40 -9.32
C SER A 532 4.14 24.42 -8.36
N CYS A 533 5.45 24.59 -8.16
CA CYS A 533 6.17 23.72 -7.23
C CYS A 533 5.73 23.96 -5.79
N MET A 534 5.33 25.19 -5.47
CA MET A 534 4.91 25.51 -4.11
C MET A 534 3.76 24.63 -3.65
N LYS A 535 2.88 24.24 -4.56
CA LYS A 535 1.72 23.41 -4.24
C LYS A 535 1.70 22.10 -5.02
N GLY A 536 2.68 21.86 -5.87
CA GLY A 536 2.68 20.67 -6.70
C GLY A 536 3.01 19.40 -5.95
N ALA A 537 4.23 19.29 -5.43
CA ALA A 537 4.70 18.08 -4.79
C ALA A 537 4.36 18.02 -3.32
N VAL A 538 3.32 18.74 -2.88
CA VAL A 538 2.91 18.66 -1.49
C VAL A 538 2.03 17.44 -1.24
N THR A 539 1.34 16.95 -2.26
CA THR A 539 0.52 15.75 -2.09
C THR A 539 1.39 14.53 -1.90
N ILE A 540 2.27 14.26 -2.86
CA ILE A 540 3.17 13.13 -2.77
C ILE A 540 4.10 13.22 -1.57
N THR A 541 4.17 14.38 -0.93
CA THR A 541 4.89 14.47 0.34
C THR A 541 4.08 13.89 1.48
N ILE A 542 2.76 14.07 1.47
CA ILE A 542 1.95 13.46 2.50
C ILE A 542 1.79 11.96 2.25
N LEU A 543 1.49 11.58 1.01
CA LEU A 543 1.27 10.16 0.71
C LEU A 543 2.51 9.33 0.99
N LEU A 544 3.68 9.94 0.93
CA LEU A 544 4.92 9.26 1.29
C LEU A 544 5.24 9.41 2.76
N GLY A 545 4.45 10.18 3.49
CA GLY A 545 4.66 10.34 4.91
C GLY A 545 3.64 9.59 5.73
N VAL A 546 2.66 8.99 5.04
CA VAL A 546 1.72 8.08 5.68
C VAL A 546 2.12 6.63 5.46
N PHE A 547 2.63 6.32 4.26
CA PHE A 547 3.15 4.99 4.00
C PHE A 547 4.31 4.66 4.92
N ILE A 548 5.21 5.61 5.15
CA ILE A 548 6.34 5.36 6.03
C ILE A 548 5.89 5.25 7.48
N PHE A 549 4.98 6.13 7.91
CA PHE A 549 4.55 6.10 9.30
C PHE A 549 3.80 4.83 9.65
N CYS A 550 3.21 4.13 8.67
CA CYS A 550 2.41 2.94 8.93
C CYS A 550 3.15 1.65 8.70
N TRP A 551 4.02 1.58 7.70
CA TRP A 551 4.79 0.38 7.42
C TRP A 551 6.13 0.36 8.15
N ALA A 552 6.43 1.35 8.99
CA ALA A 552 7.70 1.37 9.70
C ALA A 552 7.72 0.47 10.93
N PRO A 553 6.71 0.51 11.81
CA PRO A 553 6.76 -0.39 12.98
C PRO A 553 6.90 -1.85 12.60
N PHE A 554 6.26 -2.28 11.52
CA PHE A 554 6.41 -3.67 11.10
C PHE A 554 7.78 -3.91 10.49
N PHE A 555 8.32 -2.96 9.75
CA PHE A 555 9.49 -3.27 8.97
C PHE A 555 10.73 -3.48 9.82
N LEU A 556 10.94 -2.67 10.86
CA LEU A 556 12.06 -2.97 11.73
C LEU A 556 11.78 -4.16 12.65
N HIS A 557 10.52 -4.58 12.75
CA HIS A 557 10.24 -5.79 13.50
C HIS A 557 10.98 -6.97 12.91
N LEU A 558 11.23 -6.96 11.61
CA LEU A 558 11.98 -8.03 10.97
C LEU A 558 13.39 -7.62 10.55
N VAL A 559 13.89 -6.48 11.03
CA VAL A 559 15.33 -6.31 11.14
C VAL A 559 15.82 -6.85 12.48
N LEU A 560 14.91 -7.03 13.43
CA LEU A 560 15.28 -7.55 14.74
C LEU A 560 15.39 -9.07 14.73
N ILE A 561 14.31 -9.75 14.36
CA ILE A 561 14.32 -11.21 14.38
C ILE A 561 15.44 -11.76 13.50
N ILE A 562 15.93 -10.98 12.55
CA ILE A 562 17.08 -11.40 11.76
C ILE A 562 18.40 -11.00 12.40
N THR A 563 18.37 -10.16 13.44
CA THR A 563 19.58 -9.73 14.14
C THR A 563 19.61 -10.18 15.58
N CYS A 564 18.56 -9.89 16.36
CA CYS A 564 18.54 -10.18 17.79
C CYS A 564 17.32 -11.03 18.14
N PRO A 565 17.29 -12.28 17.69
CA PRO A 565 16.11 -13.12 18.00
C PRO A 565 15.98 -13.42 19.49
N THR A 566 17.04 -13.91 20.12
CA THR A 566 17.02 -14.37 21.50
C THR A 566 17.67 -13.29 22.37
N ASN A 567 16.88 -12.28 22.72
CA ASN A 567 17.38 -11.14 23.48
C ASN A 567 16.21 -10.51 24.22
N PRO A 568 16.26 -10.42 25.54
CA PRO A 568 15.05 -10.05 26.30
C PRO A 568 14.47 -8.70 25.92
N TYR A 569 15.22 -7.83 25.26
CA TYR A 569 14.63 -6.58 24.78
C TYR A 569 13.79 -6.84 23.53
N CYS A 570 14.40 -7.42 22.51
CA CYS A 570 13.69 -7.64 21.26
C CYS A 570 12.51 -8.56 21.46
N ILE A 571 12.64 -9.56 22.33
CA ILE A 571 11.60 -10.56 22.52
C ILE A 571 10.29 -9.90 22.93
N CYS A 572 10.34 -8.92 23.83
CA CYS A 572 9.13 -8.21 24.21
C CYS A 572 8.78 -7.10 23.24
N TYR A 573 9.57 -6.92 22.18
CA TYR A 573 9.18 -6.01 21.11
C TYR A 573 8.28 -6.71 20.10
N THR A 574 8.75 -7.81 19.51
CA THR A 574 7.95 -8.55 18.55
C THR A 574 6.66 -9.07 19.18
N ALA A 575 6.65 -9.27 20.49
CA ALA A 575 5.50 -9.84 21.15
C ALA A 575 4.22 -9.02 20.95
N HIS A 576 4.32 -7.84 20.35
CA HIS A 576 3.17 -7.02 20.01
C HIS A 576 2.92 -7.04 18.50
N PHE A 577 3.11 -8.19 17.86
CA PHE A 577 3.08 -8.24 16.40
C PHE A 577 1.71 -7.86 15.86
N ASN A 578 0.65 -8.32 16.51
CA ASN A 578 -0.69 -8.14 15.95
C ASN A 578 -1.15 -6.70 15.93
N THR A 579 -0.47 -5.79 16.61
CA THR A 579 -0.82 -4.38 16.54
C THR A 579 0.09 -3.59 15.62
N TYR A 580 1.04 -4.24 14.95
CA TYR A 580 1.71 -3.62 13.82
C TYR A 580 1.04 -3.97 12.52
N LEU A 581 0.00 -4.81 12.56
CA LEU A 581 -0.81 -5.12 11.40
C LEU A 581 -2.08 -4.26 11.33
N VAL A 582 -2.62 -3.85 12.47
CA VAL A 582 -3.72 -2.90 12.42
C VAL A 582 -3.23 -1.57 11.86
N LEU A 583 -1.96 -1.25 12.07
CA LEU A 583 -1.43 -0.02 11.51
C LEU A 583 -1.33 -0.10 9.99
N ILE A 584 -1.11 -1.29 9.45
CA ILE A 584 -0.98 -1.43 8.00
C ILE A 584 -2.31 -1.16 7.32
N MET A 585 -3.42 -1.58 7.94
CA MET A 585 -4.73 -1.23 7.40
C MET A 585 -4.98 0.27 7.46
N CYS A 586 -4.58 0.92 8.54
CA CYS A 586 -4.87 2.33 8.71
C CYS A 586 -4.20 3.20 7.67
N ASN A 587 -3.25 2.66 6.91
CA ASN A 587 -2.71 3.36 5.76
C ASN A 587 -3.69 3.34 4.60
N SER A 588 -4.53 2.31 4.50
CA SER A 588 -5.53 2.22 3.45
C SER A 588 -6.82 2.96 3.78
N VAL A 589 -7.10 3.20 5.06
CA VAL A 589 -8.25 4.01 5.45
C VAL A 589 -7.91 5.50 5.49
N ILE A 590 -6.64 5.86 5.35
CA ILE A 590 -6.21 7.24 5.36
C ILE A 590 -5.96 7.76 3.96
N ASP A 591 -5.35 6.96 3.10
CA ASP A 591 -4.97 7.43 1.78
C ASP A 591 -6.14 7.99 0.97
N PRO A 592 -7.29 7.33 0.85
CA PRO A 592 -8.40 7.95 0.12
C PRO A 592 -8.89 9.23 0.76
N LEU A 593 -8.69 9.41 2.07
CA LEU A 593 -9.13 10.64 2.71
C LEU A 593 -8.27 11.81 2.29
N ILE A 594 -6.97 11.60 2.10
CA ILE A 594 -6.09 12.68 1.71
C ILE A 594 -6.45 13.19 0.32
N TYR A 595 -6.88 12.29 -0.57
CA TYR A 595 -7.34 12.74 -1.88
C TYR A 595 -8.55 13.65 -1.74
N ALA A 596 -9.49 13.30 -0.86
CA ALA A 596 -10.68 14.12 -0.70
C ALA A 596 -10.33 15.49 -0.11
N PHE A 597 -9.46 15.53 0.88
CA PHE A 597 -9.19 16.79 1.56
C PHE A 597 -8.09 17.60 0.90
N ARG A 598 -7.66 17.19 -0.30
CA ARG A 598 -6.67 18.00 -1.02
C ARG A 598 -6.93 18.15 -2.51
N SER A 599 -7.80 17.36 -3.13
CA SER A 599 -8.16 17.55 -4.53
C SER A 599 -9.58 18.09 -4.62
N LEU A 600 -9.73 19.25 -5.27
CA LEU A 600 -11.01 19.94 -5.28
C LEU A 600 -12.06 19.17 -6.06
N GLU A 601 -11.85 18.98 -7.36
CA GLU A 601 -12.91 18.50 -8.22
C GLU A 601 -13.36 17.09 -7.84
N LEU A 602 -12.50 16.32 -7.18
CA LEU A 602 -12.93 15.03 -6.69
C LEU A 602 -14.01 15.20 -5.62
N ARG A 603 -13.86 16.23 -4.77
CA ARG A 603 -14.89 16.49 -3.77
C ARG A 603 -16.23 16.79 -4.42
N ASN A 604 -16.24 17.66 -5.43
CA ASN A 604 -17.50 18.00 -6.09
C ASN A 604 -18.12 16.79 -6.75
N THR A 605 -17.31 15.84 -7.20
CA THR A 605 -17.88 14.62 -7.75
C THR A 605 -18.63 13.83 -6.69
N PHE A 606 -18.06 13.74 -5.48
CA PHE A 606 -18.74 13.01 -4.42
C PHE A 606 -20.12 13.58 -4.12
N ARG A 607 -20.29 14.90 -4.27
CA ARG A 607 -21.62 15.47 -4.11
C ARG A 607 -22.59 14.90 -5.14
N GLU A 608 -22.14 14.73 -6.38
CA GLU A 608 -22.96 14.07 -7.38
C GLU A 608 -23.29 12.64 -6.97
N ILE A 609 -22.41 12.00 -6.20
CA ILE A 609 -22.65 10.62 -5.79
C ILE A 609 -23.88 10.53 -4.90
N LEU A 610 -24.02 11.45 -3.95
CA LEU A 610 -25.19 11.42 -3.07
C LEU A 610 -26.42 11.96 -3.78
N CYS A 611 -26.26 12.97 -4.63
CA CYS A 611 -27.38 13.51 -5.39
C CYS A 611 -26.93 13.97 -6.77
N ASP B 3 -1.55 -18.30 9.78
CA ASP B 3 -1.59 -17.25 10.79
C ASP B 3 -1.49 -15.89 10.13
N HIS B 4 -1.87 -14.87 10.90
CA HIS B 4 -1.91 -13.49 10.40
C HIS B 4 -0.56 -13.08 9.87
N ARG B 6 2.95 -12.44 7.97
CA ARG B 6 4.00 -13.41 7.78
C ARG B 6 5.25 -13.00 8.57
N TRP B 7 6.09 -13.97 8.88
CA TRP B 7 7.31 -13.75 9.68
C TRP B 7 6.99 -13.23 11.07
N LYS B 8 5.91 -13.72 11.66
CA LYS B 8 5.50 -13.27 12.98
C LYS B 8 6.50 -13.71 14.03
#